data_7DU5
#
_entry.id   7DU5
#
_cell.length_a   83.271
_cell.length_b   83.271
_cell.length_c   141.265
_cell.angle_alpha   90.000
_cell.angle_beta   90.000
_cell.angle_gamma   120.000
#
_symmetry.space_group_name_H-M   'P 65 2 2'
#
loop_
_entity.id
_entity.type
_entity.pdbx_description
1 polymer 'Endoribonuclease MazF9'
2 polymer 'A fragment of MazE-mt1'
#
loop_
_entity_poly.entity_id
_entity_poly.type
_entity_poly.pdbx_seq_one_letter_code
_entity_poly.pdbx_strand_id
1 'polypeptide(L)'
;GPELVMRRGEIWQVDLDPARGSEANNQRPAVVVSNDRANATATRLGRGVITVVPVTSNIAKVYPFQVLLSATTTGLQVDC
KAQAEQIRSIATERLLRPIGRVSAAELAQLDEALKLHLDLWS
;
A,B
2 'polypeptide(L)' TLEDDYANAWQEWSAAG C
#
# COMPACT_ATOMS: atom_id res chain seq x y z
N MET A 6 5.32 -4.88 18.61
CA MET A 6 4.82 -4.51 17.29
C MET A 6 5.33 -5.55 16.29
N ARG A 7 4.45 -6.45 15.85
CA ARG A 7 4.81 -7.49 14.91
C ARG A 7 3.73 -7.67 13.85
N ARG A 8 4.08 -8.46 12.83
CA ARG A 8 3.22 -8.62 11.67
C ARG A 8 1.93 -9.33 12.07
N GLY A 9 0.82 -8.93 11.45
CA GLY A 9 -0.47 -9.46 11.79
C GLY A 9 -1.15 -8.83 12.99
N GLU A 10 -0.45 -7.99 13.75
CA GLU A 10 -1.12 -7.25 14.81
C GLU A 10 -2.10 -6.24 14.22
N ILE A 11 -3.19 -6.01 14.93
CA ILE A 11 -4.18 -5.00 14.58
C ILE A 11 -4.00 -3.83 15.54
N TRP A 12 -3.72 -2.66 14.99
CA TRP A 12 -3.60 -1.41 15.73
C TRP A 12 -4.61 -0.41 15.18
N GLN A 13 -5.01 0.53 16.01
CA GLN A 13 -5.80 1.66 15.53
C GLN A 13 -4.86 2.75 15.05
N VAL A 14 -5.17 3.31 13.89
CA VAL A 14 -4.29 4.25 13.19
C VAL A 14 -5.10 5.42 12.69
N ASP A 15 -4.38 6.49 12.39
CA ASP A 15 -4.96 7.74 11.93
C ASP A 15 -4.58 7.94 10.46
N LEU A 16 -5.53 7.67 9.57
CA LEU A 16 -5.30 7.82 8.14
C LEU A 16 -5.58 9.24 7.64
N ASP A 17 -6.12 10.12 8.49
CA ASP A 17 -6.47 11.50 8.12
C ASP A 17 -5.22 12.37 8.10
N PRO A 18 -5.06 13.28 7.12
CA PRO A 18 -6.03 13.64 6.08
C PRO A 18 -5.98 12.73 4.86
N ALA A 19 -7.10 12.57 4.17
CA ALA A 19 -7.18 11.67 3.03
C ALA A 19 -7.99 12.32 1.92
N ARG A 20 -7.88 11.74 0.73
CA ARG A 20 -8.52 12.30 -0.45
C ARG A 20 -9.19 11.16 -1.21
N GLY A 21 -10.15 11.50 -2.07
CA GLY A 21 -10.82 10.53 -2.91
C GLY A 21 -11.41 9.37 -2.12
N SER A 22 -11.38 8.19 -2.74
CA SER A 22 -11.89 6.96 -2.13
C SER A 22 -10.86 6.25 -1.26
N GLU A 23 -9.92 6.98 -0.69
CA GLU A 23 -8.94 6.35 0.18
C GLU A 23 -9.58 6.04 1.54
N ALA A 24 -8.96 5.09 2.24
CA ALA A 24 -9.38 4.82 3.61
C ALA A 24 -9.08 6.05 4.46
N ASN A 25 -10.06 6.46 5.25
CA ASN A 25 -9.95 7.74 5.96
C ASN A 25 -10.27 7.55 7.43
N ASN A 26 -10.16 8.66 8.16
CA ASN A 26 -10.49 8.74 9.58
C ASN A 26 -9.60 7.78 10.37
N GLN A 27 -9.92 7.58 11.64
CA GLN A 27 -9.17 6.69 12.52
C GLN A 27 -9.75 5.29 12.50
N ARG A 28 -8.98 4.35 11.97
CA ARG A 28 -9.41 2.99 11.65
C ARG A 28 -8.47 1.95 12.22
N PRO A 29 -8.96 0.74 12.52
CA PRO A 29 -8.06 -0.38 12.75
C PRO A 29 -7.34 -0.78 11.46
N ALA A 30 -6.15 -1.36 11.61
CA ALA A 30 -5.36 -1.80 10.47
C ALA A 30 -4.43 -2.92 10.92
N VAL A 31 -4.03 -3.74 9.94
CA VAL A 31 -3.20 -4.91 10.20
C VAL A 31 -1.77 -4.63 9.75
N VAL A 32 -0.81 -4.91 10.64
CA VAL A 32 0.60 -4.80 10.32
C VAL A 32 0.95 -5.87 9.29
N VAL A 33 1.40 -5.44 8.11
CA VAL A 33 1.83 -6.37 7.07
C VAL A 33 3.31 -6.24 6.74
N SER A 34 4.00 -5.24 7.28
CA SER A 34 5.44 -5.21 7.11
C SER A 34 6.05 -6.31 7.97
N ASN A 35 7.19 -6.82 7.52
CA ASN A 35 7.81 -7.95 8.19
C ASN A 35 8.39 -7.51 9.54
N ASP A 36 8.47 -8.46 10.47
CA ASP A 36 8.93 -8.13 11.82
C ASP A 36 10.34 -7.54 11.85
N ARG A 37 11.13 -7.77 10.79
CA ARG A 37 12.48 -7.20 10.68
C ARG A 37 12.45 -5.66 10.60
N ALA A 38 11.70 -5.13 9.62
CA ALA A 38 11.51 -3.69 9.50
C ALA A 38 10.87 -3.09 10.75
N ASN A 39 9.87 -3.78 11.31
CA ASN A 39 9.17 -3.25 12.48
C ASN A 39 10.10 -3.16 13.68
N ALA A 40 10.93 -4.19 13.87
CA ALA A 40 11.96 -4.14 14.91
C ALA A 40 12.84 -2.91 14.78
N THR A 41 13.28 -2.57 13.56
CA THR A 41 14.10 -1.36 13.46
C THR A 41 13.28 -0.08 13.65
N ALA A 42 11.99 -0.14 13.32
CA ALA A 42 11.09 0.96 13.68
C ALA A 42 11.08 1.16 15.19
N THR A 43 11.03 0.06 15.95
CA THR A 43 11.03 0.16 17.41
C THR A 43 12.38 0.65 17.93
N ARG A 44 13.47 0.28 17.26
CA ARG A 44 14.79 0.76 17.67
C ARG A 44 14.95 2.26 17.41
N LEU A 45 14.45 2.74 16.27
CA LEU A 45 14.60 4.16 15.95
C LEU A 45 13.68 5.04 16.80
N GLY A 46 12.51 4.53 17.18
CA GLY A 46 11.46 5.34 17.76
C GLY A 46 10.69 6.16 16.75
N ARG A 47 11.23 6.31 15.54
CA ARG A 47 10.54 6.91 14.41
C ARG A 47 10.78 6.00 13.21
N GLY A 48 9.86 6.01 12.28
CA GLY A 48 10.01 5.17 11.10
C GLY A 48 8.67 4.94 10.46
N VAL A 49 8.68 4.09 9.45
CA VAL A 49 7.48 3.73 8.71
C VAL A 49 7.27 2.23 8.79
N ILE A 50 6.02 1.83 8.91
CA ILE A 50 5.63 0.42 8.82
C ILE A 50 4.47 0.37 7.85
N THR A 51 4.21 -0.80 7.30
CA THR A 51 3.15 -0.93 6.32
C THR A 51 1.98 -1.69 6.94
N VAL A 52 0.77 -1.23 6.64
CA VAL A 52 -0.44 -1.77 7.24
C VAL A 52 -1.52 -1.80 6.17
N VAL A 53 -2.54 -2.60 6.45
CA VAL A 53 -3.72 -2.76 5.60
C VAL A 53 -4.91 -2.22 6.39
N PRO A 54 -5.61 -1.21 5.89
CA PRO A 54 -6.77 -0.68 6.61
C PRO A 54 -7.91 -1.68 6.66
N VAL A 55 -8.76 -1.49 7.65
CA VAL A 55 -9.95 -2.31 7.84
C VAL A 55 -11.19 -1.46 7.66
N THR A 56 -12.28 -2.07 7.18
CA THR A 56 -13.55 -1.35 7.07
C THR A 56 -14.70 -2.17 7.63
N SER A 57 -15.72 -1.46 8.07
CA SER A 57 -16.91 -2.04 8.69
C SER A 57 -17.89 -2.65 7.70
N ASN A 58 -17.88 -2.22 6.44
CA ASN A 58 -18.86 -2.60 5.44
C ASN A 58 -18.62 -4.03 4.96
N ILE A 59 -19.34 -4.98 5.55
CA ILE A 59 -19.16 -6.40 5.24
C ILE A 59 -20.20 -6.91 4.22
N ALA A 60 -20.90 -5.99 3.54
CA ALA A 60 -21.96 -6.40 2.62
C ALA A 60 -21.42 -7.38 1.58
N LYS A 61 -20.26 -7.07 1.02
CA LYS A 61 -19.56 -7.96 0.09
C LYS A 61 -18.09 -7.94 0.45
N VAL A 62 -17.47 -9.12 0.46
CA VAL A 62 -16.05 -9.26 0.76
C VAL A 62 -15.40 -9.69 -0.54
N TYR A 63 -14.54 -8.83 -1.08
CA TYR A 63 -13.98 -9.02 -2.40
C TYR A 63 -12.70 -9.84 -2.32
N PRO A 64 -12.24 -10.38 -3.47
CA PRO A 64 -11.06 -11.27 -3.42
C PRO A 64 -9.83 -10.66 -2.80
N PHE A 65 -9.61 -9.36 -3.01
CA PHE A 65 -8.46 -8.67 -2.42
C PHE A 65 -8.70 -8.26 -0.98
N GLN A 66 -9.85 -8.61 -0.39
CA GLN A 66 -10.16 -8.31 0.99
C GLN A 66 -10.27 -9.60 1.80
N VAL A 67 -9.98 -9.51 3.09
CA VAL A 67 -10.04 -10.66 3.99
C VAL A 67 -10.96 -10.33 5.16
N LEU A 68 -11.88 -11.26 5.47
CA LEU A 68 -12.79 -11.02 6.58
C LEU A 68 -12.13 -11.38 7.91
N LEU A 69 -12.22 -10.47 8.87
CA LEU A 69 -11.76 -10.67 10.23
C LEU A 69 -13.00 -10.72 11.12
N SER A 70 -13.08 -11.76 11.94
CA SER A 70 -14.21 -11.95 12.85
C SER A 70 -13.81 -11.35 14.18
N ALA A 71 -14.70 -10.53 14.76
CA ALA A 71 -14.36 -9.84 16.00
C ALA A 71 -14.06 -10.83 17.13
N THR A 72 -14.61 -12.04 17.04
CA THR A 72 -14.27 -13.09 17.99
C THR A 72 -12.76 -13.35 18.02
N THR A 73 -12.14 -13.45 16.84
CA THR A 73 -10.75 -13.86 16.78
C THR A 73 -9.82 -12.75 17.24
N THR A 74 -10.11 -11.52 16.86
CA THR A 74 -9.13 -10.44 16.96
C THR A 74 -9.30 -9.52 18.17
N GLY A 75 -10.42 -9.55 18.88
CA GLY A 75 -10.67 -8.51 19.84
C GLY A 75 -11.21 -7.23 19.24
N LEU A 76 -11.34 -7.17 17.91
CA LEU A 76 -12.10 -6.10 17.24
C LEU A 76 -13.48 -5.93 17.86
N GLN A 77 -14.02 -4.72 17.75
CA GLN A 77 -15.34 -4.46 18.29
C GLN A 77 -16.45 -5.07 17.45
N VAL A 78 -16.30 -5.06 16.12
CA VAL A 78 -17.27 -5.70 15.22
C VAL A 78 -16.53 -6.37 14.06
N ASP A 79 -17.21 -7.32 13.43
CA ASP A 79 -16.65 -8.02 12.27
C ASP A 79 -16.28 -7.02 11.20
N CYS A 80 -15.07 -7.14 10.68
CA CYS A 80 -14.58 -6.17 9.71
C CYS A 80 -13.85 -6.89 8.58
N LYS A 81 -13.61 -6.19 7.47
CA LYS A 81 -12.81 -6.74 6.39
C LYS A 81 -11.57 -5.87 6.15
N ALA A 82 -10.41 -6.51 6.08
CA ALA A 82 -9.17 -5.85 5.71
C ALA A 82 -9.10 -5.69 4.20
N GLN A 83 -8.66 -4.52 3.76
CA GLN A 83 -8.67 -4.13 2.35
C GLN A 83 -7.23 -4.01 1.85
N ALA A 84 -6.72 -5.07 1.22
CA ALA A 84 -5.38 -5.01 0.66
C ALA A 84 -5.28 -3.92 -0.40
N GLU A 85 -6.37 -3.66 -1.11
CA GLU A 85 -6.40 -2.58 -2.09
C GLU A 85 -6.27 -1.20 -1.46
N GLN A 86 -6.32 -1.10 -0.13
CA GLN A 86 -6.08 0.15 0.58
C GLN A 86 -4.75 0.16 1.33
N ILE A 87 -3.86 -0.81 1.07
CA ILE A 87 -2.61 -0.93 1.80
C ILE A 87 -1.81 0.37 1.75
N ARG A 88 -1.10 0.67 2.85
CA ARG A 88 -0.30 1.89 2.88
C ARG A 88 0.63 1.88 4.09
N SER A 89 1.80 2.50 3.90
CA SER A 89 2.79 2.66 4.95
C SER A 89 2.61 3.99 5.69
N ILE A 90 2.77 3.93 7.01
CA ILE A 90 2.46 5.02 7.91
C ILE A 90 3.60 5.17 8.91
N ALA A 91 3.90 6.41 9.29
CA ALA A 91 4.83 6.67 10.37
C ALA A 91 4.29 6.10 11.68
N THR A 92 5.19 5.65 12.55
CA THR A 92 4.75 4.99 13.78
C THR A 92 4.05 5.96 14.73
N GLU A 93 4.20 7.26 14.49
CA GLU A 93 3.38 8.27 15.14
C GLU A 93 1.89 7.97 15.00
N ARG A 94 1.48 7.39 13.87
CA ARG A 94 0.07 7.16 13.59
C ARG A 94 -0.50 5.96 14.32
N LEU A 95 0.33 5.11 14.93
CA LEU A 95 -0.17 3.98 15.69
C LEU A 95 -0.71 4.52 17.01
N LEU A 96 -2.03 4.45 17.20
CA LEU A 96 -2.64 4.99 18.41
C LEU A 96 -2.63 3.96 19.54
N ARG A 97 -3.11 2.75 19.27
CA ARG A 97 -3.24 1.73 20.30
C ARG A 97 -3.33 0.38 19.63
N PRO A 98 -2.89 -0.70 20.28
CA PRO A 98 -2.98 -2.02 19.67
C PRO A 98 -4.28 -2.71 20.05
N ILE A 99 -5.10 -2.97 19.04
CA ILE A 99 -6.39 -3.60 19.27
C ILE A 99 -6.25 -5.10 19.50
N GLY A 100 -5.63 -5.81 18.56
CA GLY A 100 -5.56 -7.25 18.67
C GLY A 100 -4.59 -7.87 17.69
N ARG A 101 -4.82 -9.12 17.31
CA ARG A 101 -4.02 -9.85 16.33
C ARG A 101 -4.96 -10.65 15.44
N VAL A 102 -4.61 -10.76 14.16
CA VAL A 102 -5.35 -11.64 13.27
C VAL A 102 -4.93 -13.10 13.49
N SER A 103 -5.85 -14.00 13.17
CA SER A 103 -5.55 -15.43 13.15
C SER A 103 -4.53 -15.74 12.05
N ALA A 104 -3.85 -16.88 12.20
CA ALA A 104 -2.86 -17.29 11.20
C ALA A 104 -3.52 -17.60 9.85
N ALA A 105 -4.72 -18.18 9.88
CA ALA A 105 -5.46 -18.40 8.64
C ALA A 105 -5.82 -17.09 7.95
N GLU A 106 -6.38 -16.14 8.71
CA GLU A 106 -6.66 -14.82 8.17
C GLU A 106 -5.39 -14.18 7.60
N LEU A 107 -4.27 -14.35 8.29
CA LEU A 107 -3.00 -13.80 7.80
C LEU A 107 -2.61 -14.43 6.47
N ALA A 108 -2.71 -15.77 6.37
CA ALA A 108 -2.41 -16.42 5.10
C ALA A 108 -3.29 -15.90 3.98
N GLN A 109 -4.59 -15.75 4.24
CA GLN A 109 -5.45 -15.23 3.18
C GLN A 109 -5.08 -13.80 2.83
N LEU A 110 -4.58 -13.03 3.81
CA LEU A 110 -4.13 -11.66 3.53
C LEU A 110 -2.84 -11.64 2.70
N ASP A 111 -1.88 -12.51 3.02
CA ASP A 111 -0.74 -12.72 2.13
C ASP A 111 -1.23 -12.97 0.71
N GLU A 112 -2.20 -13.87 0.58
CA GLU A 112 -2.66 -14.28 -0.74
C GLU A 112 -3.41 -13.14 -1.44
N ALA A 113 -4.18 -12.36 -0.66
CA ALA A 113 -4.87 -11.19 -1.19
C ALA A 113 -3.89 -10.10 -1.60
N LEU A 114 -2.77 -9.98 -0.88
CA LEU A 114 -1.74 -9.00 -1.24
C LEU A 114 -1.07 -9.39 -2.54
N LYS A 115 -0.80 -10.68 -2.72
CA LYS A 115 -0.27 -11.12 -4.01
C LYS A 115 -1.24 -10.77 -5.13
N LEU A 116 -2.54 -11.00 -4.90
CA LEU A 116 -3.51 -10.68 -5.95
C LEU A 116 -3.54 -9.19 -6.27
N HIS A 117 -3.67 -8.34 -5.24
CA HIS A 117 -3.82 -6.91 -5.51
C HIS A 117 -2.54 -6.31 -6.07
N LEU A 118 -1.38 -6.75 -5.57
CA LEU A 118 -0.10 -6.20 -5.98
C LEU A 118 0.58 -7.00 -7.08
N ASP A 119 -0.07 -8.03 -7.62
CA ASP A 119 0.44 -8.80 -8.75
C ASP A 119 1.81 -9.41 -8.44
N LEU A 120 1.93 -9.98 -7.25
CA LEU A 120 3.17 -10.59 -6.76
C LEU A 120 3.12 -12.11 -6.91
N TRP A 121 2.55 -12.58 -8.01
CA TRP A 121 2.50 -14.02 -8.27
C TRP A 121 3.84 -14.53 -8.78
N SER A 122 4.46 -13.80 -9.69
CA SER A 122 5.70 -14.29 -10.28
C SER A 122 6.88 -14.06 -9.35
N LEU B 4 -5.86 9.48 -16.06
CA LEU B 4 -6.27 8.08 -15.87
C LEU B 4 -5.68 6.93 -16.64
N VAL B 5 -4.48 7.00 -17.21
CA VAL B 5 -4.03 5.91 -18.08
C VAL B 5 -3.03 5.03 -17.33
N MET B 6 -3.20 4.86 -16.02
CA MET B 6 -2.23 4.16 -15.17
C MET B 6 -2.20 2.65 -15.44
N ARG B 7 -1.00 2.12 -15.67
CA ARG B 7 -0.77 0.67 -15.71
C ARG B 7 0.49 0.36 -14.92
N ARG B 8 0.70 -0.93 -14.62
CA ARG B 8 1.73 -1.35 -13.70
C ARG B 8 3.13 -1.13 -14.26
N GLY B 9 4.06 -0.78 -13.36
CA GLY B 9 5.41 -0.45 -13.74
C GLY B 9 5.60 0.94 -14.30
N GLU B 10 4.51 1.65 -14.60
CA GLU B 10 4.61 3.04 -15.02
C GLU B 10 5.03 3.95 -13.85
N ILE B 11 5.76 4.99 -14.20
CA ILE B 11 6.18 6.03 -13.27
C ILE B 11 5.32 7.26 -13.52
N TRP B 12 4.61 7.70 -12.48
CA TRP B 12 3.83 8.93 -12.54
C TRP B 12 4.30 9.88 -11.43
N GLN B 13 4.07 11.18 -11.65
CA GLN B 13 4.27 12.16 -10.59
C GLN B 13 3.00 12.24 -9.77
N VAL B 14 3.13 12.15 -8.44
CA VAL B 14 1.96 12.12 -7.58
C VAL B 14 2.20 13.03 -6.38
N ASP B 15 1.10 13.42 -5.76
CA ASP B 15 1.10 14.36 -4.65
C ASP B 15 0.79 13.57 -3.39
N LEU B 16 1.83 13.24 -2.64
CA LEU B 16 1.63 12.44 -1.44
C LEU B 16 1.25 13.28 -0.24
N ASP B 17 1.35 14.61 -0.36
CA ASP B 17 1.07 15.55 0.70
C ASP B 17 -0.44 15.76 0.84
N PRO B 18 -0.96 15.85 2.07
CA PRO B 18 -0.18 16.00 3.31
C PRO B 18 0.39 14.70 3.87
N ALA B 19 1.53 14.80 4.54
CA ALA B 19 2.22 13.64 5.09
C ALA B 19 2.72 13.97 6.49
N ARG B 20 3.10 12.91 7.21
CA ARG B 20 3.55 13.02 8.59
C ARG B 20 4.79 12.15 8.78
N GLY B 21 5.54 12.42 9.84
CA GLY B 21 6.67 11.60 10.23
C GLY B 21 7.65 11.36 9.10
N SER B 22 8.25 10.17 9.12
CA SER B 22 9.24 9.79 8.13
C SER B 22 8.60 9.24 6.86
N GLU B 23 7.35 9.64 6.57
CA GLU B 23 6.71 9.23 5.35
C GLU B 23 7.20 10.05 4.16
N ALA B 24 7.06 9.48 2.97
CA ALA B 24 7.34 10.20 1.73
C ALA B 24 6.33 11.33 1.55
N ASN B 25 6.83 12.52 1.18
CA ASN B 25 6.00 13.71 1.14
C ASN B 25 6.16 14.44 -0.19
N ASN B 26 5.52 15.61 -0.30
CA ASN B 26 5.69 16.47 -1.48
C ASN B 26 5.20 15.77 -2.74
N GLN B 27 5.46 16.37 -3.89
CA GLN B 27 5.08 15.83 -5.18
C GLN B 27 6.29 15.04 -5.66
N ARG B 28 6.19 13.72 -5.66
CA ARG B 28 7.29 12.83 -5.92
C ARG B 28 6.92 11.86 -7.03
N PRO B 29 7.90 11.37 -7.78
CA PRO B 29 7.64 10.25 -8.68
C PRO B 29 7.31 9.01 -7.88
N ALA B 30 6.53 8.13 -8.49
CA ALA B 30 6.16 6.88 -7.85
C ALA B 30 5.82 5.85 -8.92
N VAL B 31 5.98 4.59 -8.56
CA VAL B 31 5.82 3.47 -9.48
C VAL B 31 4.51 2.76 -9.20
N VAL B 32 3.72 2.53 -10.25
CA VAL B 32 2.48 1.77 -10.15
C VAL B 32 2.81 0.32 -9.82
N VAL B 33 2.35 -0.16 -8.67
CA VAL B 33 2.54 -1.56 -8.28
C VAL B 33 1.23 -2.33 -8.14
N SER B 34 0.07 -1.66 -8.20
CA SER B 34 -1.19 -2.38 -8.22
C SER B 34 -1.43 -3.04 -9.58
N ASN B 35 -2.20 -4.13 -9.58
CA ASN B 35 -2.39 -4.91 -10.80
C ASN B 35 -3.27 -4.16 -11.80
N ASP B 36 -3.00 -4.41 -13.08
CA ASP B 36 -3.64 -3.67 -14.16
C ASP B 36 -5.15 -3.84 -14.22
N ARG B 37 -5.71 -4.86 -13.58
CA ARG B 37 -7.17 -4.96 -13.57
C ARG B 37 -7.77 -3.77 -12.81
N ALA B 38 -7.30 -3.54 -11.58
CA ALA B 38 -7.74 -2.39 -10.81
C ALA B 38 -7.44 -1.07 -11.54
N ASN B 39 -6.25 -0.95 -12.13
CA ASN B 39 -5.86 0.30 -12.78
C ASN B 39 -6.72 0.58 -14.02
N ALA B 40 -6.88 -0.43 -14.87
CA ALA B 40 -7.81 -0.33 -16.00
C ALA B 40 -9.20 0.07 -15.54
N THR B 41 -9.62 -0.45 -14.38
CA THR B 41 -10.95 -0.11 -13.88
C THR B 41 -11.02 1.34 -13.43
N ALA B 42 -9.90 1.84 -12.89
CA ALA B 42 -9.79 3.26 -12.58
C ALA B 42 -9.95 4.11 -13.83
N THR B 43 -9.30 3.70 -14.94
CA THR B 43 -9.34 4.45 -16.19
C THR B 43 -10.75 4.49 -16.76
N ARG B 44 -11.42 3.33 -16.83
CA ARG B 44 -12.79 3.29 -17.35
C ARG B 44 -13.72 4.12 -16.47
N LEU B 45 -13.49 4.09 -15.15
CA LEU B 45 -14.27 4.91 -14.23
C LEU B 45 -13.88 6.38 -14.28
N GLY B 46 -12.60 6.70 -14.49
CA GLY B 46 -12.11 8.04 -14.25
C GLY B 46 -11.87 8.37 -12.80
N ARG B 47 -12.36 7.56 -11.87
CA ARG B 47 -12.05 7.67 -10.45
C ARG B 47 -11.72 6.28 -9.92
N GLY B 48 -10.89 6.24 -8.88
CA GLY B 48 -10.52 5.00 -8.24
C GLY B 48 -9.26 5.20 -7.43
N VAL B 49 -8.81 4.12 -6.81
CA VAL B 49 -7.59 4.12 -6.03
C VAL B 49 -6.65 3.06 -6.57
N ILE B 50 -5.36 3.39 -6.60
CA ILE B 50 -4.29 2.53 -7.08
C ILE B 50 -3.19 2.52 -6.04
N THR B 51 -2.31 1.53 -6.10
CA THR B 51 -1.21 1.47 -5.15
C THR B 51 0.10 1.75 -5.87
N VAL B 52 1.00 2.49 -5.20
CA VAL B 52 2.26 2.93 -5.79
C VAL B 52 3.35 2.85 -4.74
N VAL B 53 4.58 2.84 -5.23
CA VAL B 53 5.78 2.84 -4.40
C VAL B 53 6.50 4.14 -4.68
N PRO B 54 6.68 5.03 -3.71
CA PRO B 54 7.40 6.27 -3.97
C PRO B 54 8.88 6.03 -4.21
N VAL B 55 9.49 6.93 -4.96
CA VAL B 55 10.93 6.94 -5.15
C VAL B 55 11.43 8.22 -4.52
N THR B 56 12.68 8.21 -4.10
CA THR B 56 13.30 9.44 -3.66
C THR B 56 14.62 9.59 -4.38
N SER B 57 15.00 10.84 -4.58
CA SER B 57 16.21 11.18 -5.30
C SER B 57 17.45 10.85 -4.49
N ASN B 58 17.30 10.73 -3.17
CA ASN B 58 18.42 10.47 -2.27
C ASN B 58 18.81 9.01 -2.45
N ILE B 59 19.76 8.78 -3.35
CA ILE B 59 20.21 7.43 -3.66
C ILE B 59 21.51 7.11 -2.92
N ALA B 60 21.84 7.90 -1.89
CA ALA B 60 23.10 7.75 -1.18
C ALA B 60 23.31 6.33 -0.66
N LYS B 61 22.27 5.73 -0.09
CA LYS B 61 22.34 4.35 0.36
C LYS B 61 21.08 3.61 -0.06
N VAL B 62 21.26 2.41 -0.59
CA VAL B 62 20.17 1.58 -1.10
C VAL B 62 20.09 0.30 -0.30
N TYR B 63 18.93 0.06 0.32
CA TYR B 63 18.68 -1.10 1.15
C TYR B 63 18.09 -2.22 0.31
N PRO B 64 18.08 -3.46 0.82
CA PRO B 64 17.57 -4.58 0.01
C PRO B 64 16.13 -4.42 -0.42
N PHE B 65 15.28 -3.81 0.42
CA PHE B 65 13.89 -3.58 0.08
C PHE B 65 13.70 -2.35 -0.80
N GLN B 66 14.80 -1.70 -1.18
CA GLN B 66 14.77 -0.57 -2.08
C GLN B 66 15.46 -1.01 -3.37
N VAL B 67 15.01 -0.47 -4.50
CA VAL B 67 15.63 -0.79 -5.78
C VAL B 67 15.99 0.50 -6.50
N LEU B 68 17.19 0.55 -7.05
CA LEU B 68 17.62 1.74 -7.78
C LEU B 68 17.05 1.73 -9.18
N LEU B 69 16.47 2.86 -9.58
CA LEU B 69 15.92 3.08 -10.91
C LEU B 69 16.80 4.09 -11.64
N SER B 70 17.13 3.76 -12.89
CA SER B 70 18.07 4.51 -13.70
C SER B 70 17.35 5.54 -14.55
N ALA B 71 17.80 6.80 -14.47
CA ALA B 71 17.20 7.88 -15.22
C ALA B 71 17.39 7.73 -16.73
N THR B 72 18.37 6.94 -17.17
CA THR B 72 18.64 6.79 -18.60
C THR B 72 17.38 6.40 -19.38
N THR B 73 16.73 5.32 -18.96
CA THR B 73 15.57 4.75 -19.65
C THR B 73 14.23 5.10 -19.04
N THR B 74 14.19 5.42 -17.74
CA THR B 74 12.94 5.45 -17.01
C THR B 74 12.14 6.73 -17.24
N GLY B 75 12.74 7.73 -17.88
CA GLY B 75 12.14 9.03 -18.00
C GLY B 75 12.26 9.89 -16.76
N LEU B 76 12.71 9.33 -15.64
CA LEU B 76 13.14 10.13 -14.51
C LEU B 76 14.21 11.11 -14.95
N GLN B 77 14.26 12.27 -14.31
CA GLN B 77 15.30 13.24 -14.61
C GLN B 77 16.62 12.88 -13.95
N VAL B 78 16.58 12.24 -12.78
CA VAL B 78 17.79 11.77 -12.13
C VAL B 78 17.53 10.39 -11.55
N ASP B 79 18.61 9.65 -11.34
CA ASP B 79 18.50 8.32 -10.77
C ASP B 79 17.80 8.40 -9.42
N CYS B 80 16.81 7.54 -9.22
CA CYS B 80 16.05 7.57 -7.98
C CYS B 80 15.97 6.16 -7.45
N LYS B 81 15.66 6.00 -6.18
CA LYS B 81 15.49 4.67 -5.61
C LYS B 81 14.05 4.51 -5.13
N ALA B 82 13.41 3.42 -5.55
CA ALA B 82 12.09 3.07 -5.08
C ALA B 82 12.18 2.43 -3.73
N GLN B 83 11.26 2.84 -2.85
CA GLN B 83 11.22 2.47 -1.43
C GLN B 83 9.97 1.63 -1.21
N ALA B 84 10.13 0.31 -1.21
CA ALA B 84 8.99 -0.57 -0.96
C ALA B 84 8.39 -0.34 0.41
N GLU B 85 9.21 0.03 1.40
CA GLU B 85 8.71 0.35 2.73
C GLU B 85 7.86 1.61 2.77
N GLN B 86 7.77 2.35 1.66
CA GLN B 86 6.92 3.52 1.56
C GLN B 86 5.66 3.26 0.73
N ILE B 87 5.32 1.99 0.49
CA ILE B 87 4.19 1.58 -0.33
C ILE B 87 2.93 2.30 0.14
N ARG B 88 2.03 2.65 -0.79
CA ARG B 88 0.84 3.36 -0.35
C ARG B 88 -0.20 3.40 -1.47
N SER B 89 -1.47 3.27 -1.08
CA SER B 89 -2.60 3.37 -2.00
C SER B 89 -3.12 4.81 -2.04
N ILE B 90 -3.45 5.25 -3.25
CA ILE B 90 -3.63 6.64 -3.61
C ILE B 90 -4.91 6.79 -4.42
N ALA B 91 -5.70 7.82 -4.11
CA ALA B 91 -6.79 8.18 -5.01
C ALA B 91 -6.22 8.78 -6.28
N THR B 92 -6.89 8.52 -7.40
CA THR B 92 -6.35 9.00 -8.67
C THR B 92 -6.42 10.53 -8.81
N GLU B 93 -7.11 11.26 -7.90
CA GLU B 93 -6.88 12.71 -7.80
C GLU B 93 -5.40 13.06 -7.83
N ARG B 94 -4.59 12.22 -7.20
CA ARG B 94 -3.21 12.58 -6.90
C ARG B 94 -2.28 12.51 -8.09
N LEU B 95 -2.72 11.91 -9.19
CA LEU B 95 -1.88 11.79 -10.37
C LEU B 95 -1.80 13.10 -11.14
N LEU B 96 -0.59 13.66 -11.21
CA LEU B 96 -0.38 14.88 -11.96
C LEU B 96 -0.06 14.62 -13.43
N ARG B 97 0.91 13.74 -13.70
CA ARG B 97 1.45 13.59 -15.05
C ARG B 97 2.11 12.24 -15.20
N PRO B 98 2.16 11.66 -16.40
CA PRO B 98 2.87 10.40 -16.60
C PRO B 98 4.34 10.58 -16.96
N ILE B 99 5.26 10.14 -16.11
CA ILE B 99 6.68 10.30 -16.37
C ILE B 99 7.18 9.26 -17.36
N GLY B 100 7.05 7.99 -17.04
CA GLY B 100 7.65 6.95 -17.85
C GLY B 100 7.26 5.54 -17.50
N ARG B 101 8.15 4.59 -17.76
CA ARG B 101 7.98 3.18 -17.40
C ARG B 101 9.28 2.69 -16.78
N VAL B 102 9.16 1.85 -15.77
CA VAL B 102 10.34 1.22 -15.18
C VAL B 102 10.77 0.08 -16.10
N SER B 103 12.07 -0.23 -16.11
CA SER B 103 12.51 -1.40 -16.88
C SER B 103 11.95 -2.69 -16.27
N ALA B 104 11.88 -3.73 -17.11
CA ALA B 104 11.39 -5.03 -16.65
C ALA B 104 12.30 -5.62 -15.59
N ALA B 105 13.62 -5.41 -15.70
CA ALA B 105 14.52 -5.84 -14.65
C ALA B 105 14.23 -5.11 -13.35
N GLU B 106 14.13 -3.79 -13.41
CA GLU B 106 13.73 -3.00 -12.24
C GLU B 106 12.37 -3.44 -11.72
N LEU B 107 11.42 -3.74 -12.61
CA LEU B 107 10.09 -4.16 -12.17
C LEU B 107 10.15 -5.45 -11.37
N ALA B 108 10.80 -6.48 -11.92
CA ALA B 108 10.96 -7.73 -11.19
C ALA B 108 11.70 -7.52 -9.87
N GLN B 109 12.74 -6.68 -9.88
CA GLN B 109 13.51 -6.45 -8.67
C GLN B 109 12.67 -5.75 -7.60
N LEU B 110 11.77 -4.85 -8.02
CA LEU B 110 10.85 -4.23 -7.07
C LEU B 110 9.86 -5.25 -6.54
N ASP B 111 9.38 -6.15 -7.40
CA ASP B 111 8.57 -7.28 -6.96
C ASP B 111 9.26 -8.04 -5.83
N GLU B 112 10.54 -8.34 -6.00
CA GLU B 112 11.25 -9.07 -4.94
C GLU B 112 11.40 -8.22 -3.69
N ALA B 113 11.66 -6.92 -3.84
CA ALA B 113 11.77 -6.04 -2.68
C ALA B 113 10.46 -5.96 -1.93
N LEU B 114 9.34 -5.98 -2.66
CA LEU B 114 8.02 -5.97 -2.04
C LEU B 114 7.72 -7.30 -1.35
N LYS B 115 8.09 -8.41 -1.98
CA LYS B 115 7.89 -9.71 -1.33
C LYS B 115 8.67 -9.79 -0.02
N LEU B 116 9.91 -9.31 -0.03
CA LEU B 116 10.70 -9.30 1.19
C LEU B 116 10.08 -8.40 2.24
N HIS B 117 9.70 -7.18 1.84
CA HIS B 117 9.23 -6.21 2.84
C HIS B 117 7.92 -6.66 3.47
N LEU B 118 7.05 -7.29 2.69
CA LEU B 118 5.73 -7.71 3.17
C LEU B 118 5.70 -9.15 3.64
N ASP B 119 6.84 -9.82 3.74
CA ASP B 119 6.93 -11.19 4.22
C ASP B 119 6.09 -12.14 3.36
N LEU B 120 6.17 -11.98 2.04
CA LEU B 120 5.39 -12.77 1.08
C LEU B 120 6.22 -13.87 0.43
N TRP B 121 5.51 -14.84 -0.15
CA TRP B 121 6.08 -16.13 -0.60
C TRP B 121 5.39 -16.88 -1.77
N THR C 1 -15.20 -9.15 -13.92
CA THR C 1 -15.97 -9.19 -12.68
C THR C 1 -15.10 -8.81 -11.48
N LEU C 2 -13.84 -9.25 -11.46
CA LEU C 2 -12.92 -8.75 -10.44
C LEU C 2 -12.81 -7.23 -10.51
N GLU C 3 -12.95 -6.65 -11.71
CA GLU C 3 -12.99 -5.20 -11.83
C GLU C 3 -14.31 -4.62 -11.34
N ASP C 4 -15.42 -5.33 -11.54
CA ASP C 4 -16.66 -4.98 -10.85
C ASP C 4 -16.42 -4.97 -9.34
N ASP C 5 -15.73 -5.99 -8.84
CA ASP C 5 -15.40 -6.08 -7.43
C ASP C 5 -14.59 -4.87 -6.98
N TYR C 6 -13.66 -4.41 -7.82
CA TYR C 6 -12.83 -3.27 -7.46
C TYR C 6 -13.64 -1.98 -7.43
N ALA C 7 -14.42 -1.73 -8.49
CA ALA C 7 -15.26 -0.54 -8.54
C ALA C 7 -16.15 -0.46 -7.30
N ASN C 8 -16.82 -1.56 -6.97
CA ASN C 8 -17.72 -1.54 -5.82
C ASN C 8 -16.96 -1.47 -4.50
N ALA C 9 -15.76 -2.07 -4.43
CA ALA C 9 -14.97 -1.95 -3.21
C ALA C 9 -14.59 -0.51 -2.94
N TRP C 10 -14.24 0.23 -4.00
CA TRP C 10 -13.89 1.63 -3.82
C TRP C 10 -15.12 2.47 -3.46
N GLN C 11 -16.21 2.27 -4.19
CA GLN C 11 -17.35 3.17 -4.04
C GLN C 11 -18.15 2.90 -2.76
N GLU C 12 -18.24 1.64 -2.32
CA GLU C 12 -19.02 1.33 -1.13
C GLU C 12 -18.51 2.11 0.07
N TRP C 13 -19.39 2.33 1.02
CA TRP C 13 -19.07 3.21 2.14
C TRP C 13 -18.01 2.59 3.03
N SER C 14 -17.05 3.41 3.44
CA SER C 14 -16.09 3.09 4.47
C SER C 14 -16.30 3.94 5.71
N ALA C 15 -16.44 5.25 5.53
CA ALA C 15 -16.72 6.22 6.56
C ALA C 15 -16.80 7.58 5.86
#